data_2J0M
#
_entry.id   2J0M
#
_cell.length_a   67.490
_cell.length_b   90.600
_cell.length_c   242.610
_cell.angle_alpha   90.00
_cell.angle_beta   90.00
_cell.angle_gamma   90.00
#
_symmetry.space_group_name_H-M   'C 2 2 21'
#
loop_
_entity.id
_entity.type
_entity.pdbx_description
1 polymer 'FOCAL ADHESION KINASE 1'
2 polymer 'FOCAL ADHESION KINASE 1'
3 non-polymer 1,2,3,4-TETRAHYDROGEN-STAUROSPORINE
4 water water
#
loop_
_entity_poly.entity_id
_entity_poly.type
_entity_poly.pdbx_seq_one_letter_code
_entity_poly.pdbx_strand_id
1 'polypeptide(L)'
;GSGAMERVLKVFHYFENSSEPTTWASIIRHGDATDVRGIIQKIVDCHKVKNVACYGLRLSHLQSEEVHWLHLDMGVSNVR
EKFELAHPPEEWKYELRIRYLPKGFLNQFTEDKPTLNFFYQQVKNDYMLEIADQVDQEIALKLGCLEIRRSYGEMRGNAL
EKKSNYEVLEKDVGLRRFFPKSLLDSVKAKTLRKLIQQTFRQFANLNREESILKFFEILSPVYRFDKECFKCALGSSWII
SVELAIGPEEGISYLTDKGANPTHLADFNQVQTIQYSNSEDKDRKGMLQLKIAGAPEPLTVTAPSLTIAENMADLIDGYC
RLVNGATQSFIIRPQKEGERALPSIPKLANNEKQGVRSHTVSVSETDDYAE
;
A
2 'polypeptide(L)'
;STRDYEIQRERIELGRCIGEGQFGDVHQGIYMSPENPALAVAIKTCKNCTSDSVREKFLQEALTMRQFDHPHIVKLIGVI
TENPVWIIMELCTLGELRSFLQVRKYSLDLASLILYAYQLSTALAYLESKRFVHRDIAARNVLVSSNDCVKLGDFGLSRY
MEDSTYYKASKGKLPIKWMAPESINFRRFTSASDVWMFGVCMWEILMHGVKPFQGVKNNDVIGRIENGERLPMPPNCPPT
LYSLMTKCWAYDPSRRPRFTELKAQLSTILEEEKLQ
;
B
#
# COMPACT_ATOMS: atom_id res chain seq x y z
N GLY A 3 33.95 -0.14 -0.11
CA GLY A 3 33.03 -1.04 0.67
C GLY A 3 33.30 -2.52 0.46
N ALA A 4 32.90 -3.34 1.44
CA ALA A 4 33.23 -4.77 1.44
C ALA A 4 32.10 -5.74 1.02
N MET A 5 31.01 -5.73 1.79
CA MET A 5 30.01 -6.82 1.85
C MET A 5 29.68 -7.57 0.54
N GLU A 6 28.66 -7.15 -0.24
CA GLU A 6 27.85 -5.94 -0.03
C GLU A 6 26.36 -6.29 0.15
N ARG A 7 25.66 -5.51 0.98
CA ARG A 7 24.34 -5.89 1.49
C ARG A 7 23.16 -4.98 1.12
N VAL A 8 22.10 -5.07 1.91
CA VAL A 8 20.74 -4.60 1.56
C VAL A 8 20.43 -3.13 1.86
N LEU A 9 20.25 -2.80 3.14
CA LEU A 9 19.73 -1.51 3.61
C LEU A 9 18.24 -1.35 3.33
N LYS A 10 17.44 -1.63 4.36
CA LYS A 10 15.99 -1.47 4.32
C LYS A 10 15.67 -0.06 4.77
N VAL A 11 15.06 0.72 3.88
CA VAL A 11 14.76 2.12 4.16
C VAL A 11 13.28 2.32 4.44
N PHE A 12 12.92 2.30 5.72
CA PHE A 12 11.53 2.44 6.14
C PHE A 12 10.98 3.81 5.77
N HIS A 13 9.81 3.83 5.13
CA HIS A 13 9.19 5.09 4.69
C HIS A 13 7.70 5.22 5.08
N TYR A 14 7.10 6.37 4.75
CA TYR A 14 5.70 6.63 5.03
C TYR A 14 4.91 6.92 3.76
N PHE A 15 5.12 6.10 2.74
CA PHE A 15 4.27 6.10 1.56
C PHE A 15 3.31 4.93 1.69
N GLU A 16 2.02 5.22 1.60
CA GLU A 16 1.02 4.17 1.82
C GLU A 16 1.08 3.08 0.75
N ASN A 17 1.14 1.83 1.21
CA ASN A 17 1.25 0.67 0.34
C ASN A 17 0.23 -0.45 0.64
N SER A 18 -0.92 -0.06 1.17
CA SER A 18 -2.08 -0.96 1.41
C SER A 18 -1.74 -2.34 1.96
N SER A 19 -0.75 -2.40 2.85
CA SER A 19 -0.30 -3.65 3.47
C SER A 19 -0.29 -3.55 5.00
N GLU A 20 0.88 -3.28 5.57
CA GLU A 20 1.04 -3.07 7.00
C GLU A 20 2.11 -2.00 7.24
N PRO A 21 1.72 -0.84 7.84
CA PRO A 21 2.58 0.35 7.95
C PRO A 21 3.94 0.11 8.62
N THR A 22 4.12 -1.04 9.25
CA THR A 22 5.39 -1.40 9.89
C THR A 22 6.42 -1.83 8.85
N THR A 23 5.94 -2.42 7.76
CA THR A 23 6.81 -2.96 6.72
C THR A 23 6.83 -2.11 5.44
N TRP A 24 6.39 -0.85 5.56
CA TRP A 24 6.53 0.11 4.47
C TRP A 24 7.99 0.54 4.36
N ALA A 25 8.67 0.03 3.34
CA ALA A 25 10.10 0.27 3.18
C ALA A 25 10.55 0.01 1.76
N SER A 26 11.57 0.76 1.34
CA SER A 26 12.27 0.51 0.09
C SER A 26 13.54 -0.33 0.34
N ILE A 27 13.65 -1.42 -0.40
CA ILE A 27 14.84 -2.26 -0.43
C ILE A 27 15.77 -1.60 -1.43
N ILE A 28 16.85 -0.99 -0.94
CA ILE A 28 17.77 -0.31 -1.85
C ILE A 28 19.10 -1.06 -2.01
N ARG A 29 19.20 -1.85 -3.09
CA ARG A 29 20.33 -2.74 -3.30
C ARG A 29 21.59 -2.00 -3.81
N HIS A 30 22.65 -2.78 -4.05
CA HIS A 30 23.96 -2.26 -4.44
C HIS A 30 23.94 -1.31 -5.66
N GLY A 31 23.00 -1.51 -6.56
CA GLY A 31 22.93 -0.72 -7.79
C GLY A 31 22.38 0.68 -7.71
N ASP A 32 22.55 1.33 -6.55
CA ASP A 32 22.09 2.71 -6.31
C ASP A 32 22.30 3.07 -4.83
N ALA A 33 22.79 4.27 -4.53
CA ALA A 33 23.28 5.23 -5.52
C ALA A 33 24.77 5.42 -5.32
N THR A 34 25.14 5.98 -4.17
CA THR A 34 26.52 6.19 -3.74
C THR A 34 26.56 7.05 -2.46
N ASP A 35 25.51 7.85 -2.24
CA ASP A 35 25.38 8.68 -1.03
C ASP A 35 23.91 8.88 -0.63
N VAL A 36 23.66 9.79 0.31
CA VAL A 36 22.33 9.98 0.90
C VAL A 36 21.36 10.75 0.00
N ARG A 37 21.77 11.95 -0.44
CA ARG A 37 21.03 12.72 -1.43
C ARG A 37 20.62 11.83 -2.61
N GLY A 38 21.37 10.74 -2.79
CA GLY A 38 21.02 9.68 -3.72
C GLY A 38 19.77 8.94 -3.26
N ILE A 39 19.86 8.30 -2.10
CA ILE A 39 18.77 7.49 -1.54
C ILE A 39 17.43 8.21 -1.72
N ILE A 40 17.30 9.33 -1.02
CA ILE A 40 16.10 10.18 -1.06
C ILE A 40 15.54 10.31 -2.48
N GLN A 41 16.33 10.86 -3.40
CA GLN A 41 15.90 11.11 -4.76
C GLN A 41 15.31 9.88 -5.46
N LYS A 42 15.84 8.69 -5.16
CA LYS A 42 15.28 7.46 -5.71
C LYS A 42 13.87 7.25 -5.18
N ILE A 43 13.72 7.26 -3.85
CA ILE A 43 12.43 6.97 -3.22
C ILE A 43 11.37 8.04 -3.51
N VAL A 44 11.69 9.31 -3.30
CA VAL A 44 10.73 10.38 -3.61
C VAL A 44 10.22 10.39 -5.06
N ASP A 45 11.09 10.00 -6.00
CA ASP A 45 10.76 10.04 -7.43
C ASP A 45 9.86 8.87 -7.85
N CYS A 46 9.85 7.81 -7.04
CA CYS A 46 8.94 6.68 -7.29
C CYS A 46 7.50 7.12 -7.15
N HIS A 47 7.30 8.09 -6.26
CA HIS A 47 5.97 8.57 -5.91
C HIS A 47 5.76 10.00 -6.42
N LYS A 48 6.59 10.40 -7.39
CA LYS A 48 6.53 11.73 -8.03
C LYS A 48 6.30 12.87 -7.04
N VAL A 49 7.28 13.04 -6.14
CA VAL A 49 7.24 14.10 -5.14
C VAL A 49 7.61 15.45 -5.76
N LYS A 50 6.90 16.49 -5.35
CA LYS A 50 7.27 17.87 -5.67
C LYS A 50 8.26 18.43 -4.63
N ASN A 51 7.85 18.46 -3.36
CA ASN A 51 8.60 19.14 -2.33
C ASN A 51 9.77 18.33 -1.77
N VAL A 52 10.75 18.08 -2.64
CA VAL A 52 11.92 17.25 -2.29
C VAL A 52 12.81 17.87 -1.21
N ALA A 53 12.79 19.19 -1.09
CA ALA A 53 13.59 19.92 -0.11
C ALA A 53 13.32 19.49 1.34
N CYS A 54 12.13 18.93 1.56
CA CYS A 54 11.58 18.71 2.90
C CYS A 54 11.96 17.37 3.55
N TYR A 55 12.60 16.50 2.77
CA TYR A 55 12.86 15.13 3.20
C TYR A 55 14.28 14.92 3.73
N GLY A 56 14.37 14.03 4.70
CA GLY A 56 15.63 13.68 5.32
C GLY A 56 15.68 12.21 5.67
N LEU A 57 16.90 11.71 5.90
CA LEU A 57 17.12 10.32 6.25
C LEU A 57 17.56 10.19 7.71
N ARG A 58 16.79 9.42 8.48
CA ARG A 58 17.09 9.20 9.90
C ARG A 58 17.58 7.77 10.14
N LEU A 59 18.65 7.64 10.91
CA LEU A 59 19.24 6.34 11.21
C LEU A 59 19.36 6.14 12.72
N SER A 60 18.43 5.39 13.30
CA SER A 60 18.41 5.17 14.74
C SER A 60 18.44 3.71 15.13
N HIS A 61 19.21 3.42 16.18
CA HIS A 61 19.30 2.11 16.80
C HIS A 61 17.98 1.84 17.53
N LEU A 62 17.43 0.64 17.31
CA LEU A 62 16.08 0.29 17.80
C LEU A 62 16.01 -0.15 19.27
N GLN A 63 17.01 0.21 20.06
CA GLN A 63 17.00 0.01 21.50
C GLN A 63 17.53 1.24 22.24
N SER A 64 17.59 2.36 21.53
CA SER A 64 18.01 3.65 22.08
C SER A 64 17.20 4.80 21.46
N GLU A 65 17.17 5.93 22.18
CA GLU A 65 16.37 7.08 21.76
C GLU A 65 17.14 8.13 20.96
N GLU A 66 18.47 7.98 20.90
CA GLU A 66 19.31 8.90 20.12
C GLU A 66 19.19 8.73 18.61
N VAL A 67 19.13 9.88 17.93
CA VAL A 67 18.76 9.95 16.52
C VAL A 67 19.90 10.55 15.70
N HIS A 68 20.14 9.96 14.53
CA HIS A 68 21.19 10.41 13.62
C HIS A 68 20.64 10.81 12.27
N TRP A 69 20.62 12.12 12.02
CA TRP A 69 20.27 12.63 10.71
C TRP A 69 21.49 12.56 9.81
N LEU A 70 21.29 12.05 8.60
CA LEU A 70 22.40 11.80 7.70
C LEU A 70 22.59 12.93 6.67
N HIS A 71 23.79 13.48 6.65
CA HIS A 71 24.17 14.51 5.69
C HIS A 71 23.85 14.06 4.26
N LEU A 72 23.43 14.99 3.40
CA LEU A 72 23.08 14.68 2.01
C LEU A 72 24.20 14.01 1.22
N ASP A 73 25.41 14.56 1.34
CA ASP A 73 26.55 14.11 0.52
C ASP A 73 27.34 12.93 1.12
N MET A 74 27.18 12.68 2.41
CA MET A 74 27.87 11.56 3.07
C MET A 74 27.51 10.26 2.35
N GLY A 75 28.54 9.50 2.00
CA GLY A 75 28.39 8.31 1.14
C GLY A 75 27.50 7.21 1.72
N VAL A 76 27.09 6.30 0.85
CA VAL A 76 26.26 5.15 1.24
C VAL A 76 27.06 4.18 2.11
N SER A 77 28.18 3.70 1.57
CA SER A 77 28.99 2.69 2.25
C SER A 77 29.67 3.21 3.50
N ASN A 78 30.18 4.44 3.46
CA ASN A 78 30.94 5.01 4.58
C ASN A 78 30.08 5.58 5.71
N VAL A 79 28.78 5.72 5.46
CA VAL A 79 27.82 5.96 6.52
C VAL A 79 27.52 4.61 7.20
N ARG A 80 27.26 3.60 6.39
CA ARG A 80 27.09 2.22 6.86
C ARG A 80 28.33 1.75 7.64
N GLU A 81 29.51 2.14 7.17
CA GLU A 81 30.77 1.69 7.76
C GLU A 81 31.30 2.57 8.92
N LYS A 82 30.43 3.39 9.50
CA LYS A 82 30.79 4.15 10.70
C LYS A 82 29.85 3.89 11.88
N PHE A 83 28.59 3.57 11.58
CA PHE A 83 27.63 3.18 12.60
C PHE A 83 27.45 1.66 12.61
N GLU A 84 26.89 1.14 11.52
CA GLU A 84 26.46 -0.26 11.39
C GLU A 84 27.49 -1.28 11.86
N LEU A 85 28.75 -1.10 11.47
CA LEU A 85 29.80 -2.05 11.79
C LEU A 85 30.33 -1.89 13.21
N ALA A 86 29.52 -2.34 14.17
CA ALA A 86 29.85 -2.39 15.59
C ALA A 86 28.78 -3.18 16.34
N HIS A 87 27.56 -3.15 15.79
CA HIS A 87 26.41 -3.87 16.34
C HIS A 87 25.72 -4.58 15.18
N PRO A 88 25.59 -5.94 15.25
CA PRO A 88 25.04 -6.75 14.17
C PRO A 88 24.04 -5.99 13.30
N PRO A 89 24.39 -5.75 12.01
CA PRO A 89 23.71 -4.88 11.05
C PRO A 89 22.17 -4.87 11.11
N GLU A 90 21.58 -6.01 11.43
CA GLU A 90 20.12 -6.13 11.55
C GLU A 90 19.58 -5.49 12.84
N GLU A 91 20.14 -4.33 13.20
CA GLU A 91 19.76 -3.62 14.43
C GLU A 91 19.65 -2.10 14.26
N TRP A 92 19.74 -1.62 13.02
CA TRP A 92 19.55 -0.21 12.73
C TRP A 92 18.27 0.02 11.95
N LYS A 93 17.59 1.13 12.23
CA LYS A 93 16.39 1.52 11.48
C LYS A 93 16.69 2.72 10.60
N TYR A 94 16.69 2.50 9.28
CA TYR A 94 16.80 3.58 8.32
C TYR A 94 15.42 4.09 7.99
N GLU A 95 15.20 5.38 8.20
CA GLU A 95 13.86 5.94 8.11
C GLU A 95 13.85 7.27 7.35
N LEU A 96 13.17 7.30 6.21
CA LEU A 96 12.93 8.54 5.47
C LEU A 96 11.82 9.33 6.15
N ARG A 97 12.03 10.63 6.32
CA ARG A 97 11.05 11.49 7.03
C ARG A 97 10.98 12.89 6.44
N ILE A 98 9.80 13.50 6.50
CA ILE A 98 9.69 14.94 6.26
C ILE A 98 10.24 15.67 7.49
N ARG A 99 11.13 16.64 7.26
CA ARG A 99 11.72 17.38 8.39
C ARG A 99 11.72 18.90 8.18
N TYR A 100 11.88 19.33 6.94
CA TYR A 100 12.06 20.75 6.67
C TYR A 100 10.80 21.29 6.04
N LEU A 101 10.02 22.01 6.84
CA LEU A 101 8.70 22.45 6.42
C LEU A 101 8.70 23.84 5.77
N PRO A 102 7.93 24.02 4.68
CA PRO A 102 7.79 25.33 4.03
C PRO A 102 7.06 26.35 4.92
N LYS A 103 7.06 27.60 4.49
CA LYS A 103 6.44 28.71 5.25
C LYS A 103 4.90 28.61 5.32
N GLY A 104 4.36 27.46 4.92
CA GLY A 104 2.93 27.19 5.01
C GLY A 104 2.66 25.79 4.46
N PHE A 105 3.13 24.79 5.20
CA PHE A 105 3.24 23.41 4.71
C PHE A 105 1.92 22.74 4.33
N LEU A 106 0.92 22.84 5.19
CA LEU A 106 -0.37 22.19 4.92
C LEU A 106 -0.92 22.67 3.60
N ASN A 107 -1.12 23.98 3.48
CA ASN A 107 -1.73 24.54 2.29
C ASN A 107 -0.82 24.45 1.05
N GLN A 108 0.38 23.90 1.24
CA GLN A 108 1.31 23.71 0.13
C GLN A 108 1.39 22.23 -0.23
N PHE A 109 1.57 21.38 0.78
CA PHE A 109 1.48 19.93 0.61
C PHE A 109 0.17 19.55 -0.08
N THR A 110 -0.81 20.46 -0.03
CA THR A 110 -2.11 20.28 -0.65
C THR A 110 -2.00 19.97 -2.15
N GLU A 111 -1.20 20.79 -2.86
CA GLU A 111 -0.96 20.63 -4.30
C GLU A 111 0.07 19.54 -4.62
N ASP A 112 0.42 18.76 -3.58
CA ASP A 112 1.40 17.67 -3.70
C ASP A 112 0.91 16.44 -2.94
N LYS A 113 -0.14 15.81 -3.46
CA LYS A 113 -0.76 14.60 -2.86
C LYS A 113 0.25 13.65 -2.16
N PRO A 114 1.27 13.16 -2.90
CA PRO A 114 2.20 12.18 -2.34
C PRO A 114 2.87 12.63 -1.04
N THR A 115 3.18 13.92 -0.94
CA THR A 115 3.80 14.47 0.25
C THR A 115 2.81 14.62 1.41
N LEU A 116 1.60 15.12 1.11
CA LEU A 116 0.57 15.31 2.12
C LEU A 116 0.22 14.00 2.81
N ASN A 117 -0.02 12.94 2.04
CA ASN A 117 -0.23 11.60 2.62
C ASN A 117 0.98 11.17 3.44
N PHE A 118 2.18 11.41 2.93
CA PHE A 118 3.42 11.09 3.65
C PHE A 118 3.51 11.82 4.99
N PHE A 119 3.26 13.13 4.98
CA PHE A 119 3.35 13.90 6.22
C PHE A 119 2.27 13.45 7.19
N TYR A 120 1.06 13.25 6.65
CA TYR A 120 -0.03 12.66 7.41
C TYR A 120 0.40 11.36 8.09
N GLN A 121 0.77 10.35 7.30
CA GLN A 121 1.21 9.06 7.83
C GLN A 121 2.27 9.18 8.92
N GLN A 122 3.27 10.01 8.67
CA GLN A 122 4.39 10.23 9.60
C GLN A 122 3.90 10.80 10.94
N VAL A 123 3.15 11.90 10.84
CA VAL A 123 2.58 12.55 12.01
C VAL A 123 1.56 11.63 12.73
N LYS A 124 0.74 10.92 11.95
CA LYS A 124 -0.18 9.91 12.49
C LYS A 124 0.56 8.85 13.30
N ASN A 125 1.69 8.40 12.77
CA ASN A 125 2.51 7.38 13.44
C ASN A 125 3.17 7.87 14.73
N ASP A 126 3.61 9.13 14.74
CA ASP A 126 4.17 9.70 15.95
C ASP A 126 3.08 9.75 17.01
N TYR A 127 1.94 10.35 16.65
CA TYR A 127 0.79 10.47 17.54
C TYR A 127 0.37 9.13 18.13
N MET A 128 0.20 8.13 17.27
CA MET A 128 -0.18 6.79 17.72
C MET A 128 0.89 6.14 18.61
N LEU A 129 2.15 6.55 18.44
CA LEU A 129 3.27 5.95 19.19
C LEU A 129 3.62 6.68 20.49
N GLU A 130 3.21 7.93 20.61
CA GLU A 130 3.63 8.78 21.72
C GLU A 130 2.49 9.24 22.64
N ILE A 131 1.44 9.84 22.06
CA ILE A 131 0.45 10.55 22.87
C ILE A 131 -0.99 10.04 22.79
N ALA A 132 -1.25 9.07 21.93
CA ALA A 132 -2.60 8.56 21.73
C ALA A 132 -3.29 8.05 23.00
N ASP A 133 -2.53 7.46 23.92
CA ASP A 133 -3.10 6.85 25.14
C ASP A 133 -3.42 7.80 26.29
N GLN A 134 -2.68 8.89 26.40
CA GLN A 134 -2.97 9.91 27.42
C GLN A 134 -3.48 11.19 26.79
N VAL A 135 -4.01 11.06 25.59
CA VAL A 135 -4.75 12.14 24.94
C VAL A 135 -6.19 12.07 25.41
N ASP A 136 -6.89 13.20 25.34
CA ASP A 136 -8.33 13.24 25.62
C ASP A 136 -9.02 12.26 24.68
N GLN A 137 -9.80 11.34 25.25
CA GLN A 137 -10.30 10.16 24.52
C GLN A 137 -11.18 10.44 23.31
N GLU A 138 -12.00 11.49 23.37
CA GLU A 138 -12.83 11.81 22.20
C GLU A 138 -12.03 12.47 21.08
N ILE A 139 -10.84 13.01 21.41
CA ILE A 139 -9.87 13.41 20.38
C ILE A 139 -9.37 12.15 19.69
N ALA A 140 -9.00 11.15 20.48
CA ALA A 140 -8.60 9.86 19.95
C ALA A 140 -9.72 9.25 19.08
N LEU A 141 -10.96 9.46 19.50
CA LEU A 141 -12.12 9.03 18.72
C LEU A 141 -12.24 9.77 17.39
N LYS A 142 -12.15 11.10 17.44
CA LYS A 142 -12.29 11.92 16.24
C LYS A 142 -11.25 11.59 15.18
N LEU A 143 -10.00 11.40 15.63
CA LEU A 143 -8.88 11.12 14.72
C LEU A 143 -8.97 9.75 14.05
N GLY A 144 -9.18 8.69 14.84
CA GLY A 144 -9.33 7.33 14.30
C GLY A 144 -10.43 7.22 13.25
N CYS A 145 -11.60 7.78 13.59
CA CYS A 145 -12.69 7.85 12.65
C CYS A 145 -12.25 8.52 11.36
N LEU A 146 -11.45 9.58 11.50
CA LEU A 146 -10.92 10.31 10.34
C LEU A 146 -9.99 9.46 9.48
N GLU A 147 -9.25 8.55 10.11
CA GLU A 147 -8.37 7.64 9.37
C GLU A 147 -9.20 6.58 8.65
N ILE A 148 -10.26 6.13 9.29
CA ILE A 148 -11.21 5.23 8.65
C ILE A 148 -11.76 5.96 7.45
N ARG A 149 -12.27 7.17 7.67
CA ARG A 149 -12.85 8.00 6.59
C ARG A 149 -11.89 8.20 5.44
N ARG A 150 -10.60 8.42 5.76
CA ARG A 150 -9.58 8.58 4.72
C ARG A 150 -9.26 7.28 3.99
N SER A 151 -8.90 6.26 4.76
CA SER A 151 -8.45 4.98 4.21
C SER A 151 -9.46 4.34 3.28
N TYR A 152 -10.73 4.44 3.63
CA TYR A 152 -11.76 3.80 2.84
C TYR A 152 -12.62 4.87 2.19
N GLY A 153 -12.04 5.53 1.19
CA GLY A 153 -12.67 6.65 0.52
C GLY A 153 -13.92 6.29 -0.25
N GLU A 154 -14.09 5.01 -0.55
CA GLU A 154 -15.16 4.56 -1.45
C GLU A 154 -16.54 4.27 -0.82
N MET A 155 -16.60 4.11 0.50
CA MET A 155 -17.85 3.78 1.19
C MET A 155 -18.66 5.03 1.53
N ARG A 156 -19.99 4.98 1.35
CA ARG A 156 -20.86 6.10 1.75
C ARG A 156 -20.75 6.34 3.26
N GLY A 157 -20.84 7.60 3.67
CA GLY A 157 -20.58 8.03 5.06
C GLY A 157 -21.34 7.33 6.17
N ASN A 158 -22.31 6.49 5.79
CA ASN A 158 -23.10 5.74 6.74
C ASN A 158 -22.97 4.23 6.55
N ALA A 159 -21.86 3.78 5.98
CA ALA A 159 -21.62 2.36 5.76
C ALA A 159 -21.38 1.63 7.08
N LEU A 160 -20.70 2.29 8.02
CA LEU A 160 -20.41 1.69 9.31
C LEU A 160 -21.69 1.43 10.09
N GLU A 161 -22.76 2.15 9.70
CA GLU A 161 -24.08 1.95 10.31
C GLU A 161 -24.49 0.48 10.21
N LYS A 162 -24.31 -0.12 9.02
CA LYS A 162 -24.57 -1.54 8.81
C LYS A 162 -23.66 -2.40 9.68
N LYS A 163 -24.21 -3.47 10.24
CA LYS A 163 -23.49 -4.32 11.19
C LYS A 163 -22.26 -4.99 10.57
N SER A 164 -22.47 -5.67 9.44
CA SER A 164 -21.41 -6.44 8.75
C SER A 164 -20.21 -5.59 8.34
N ASN A 165 -20.45 -4.29 8.11
CA ASN A 165 -19.38 -3.35 7.81
C ASN A 165 -18.55 -3.05 9.06
N TYR A 166 -19.20 -2.64 10.14
CA TYR A 166 -18.51 -2.47 11.41
C TYR A 166 -17.78 -3.77 11.73
N GLU A 167 -18.49 -4.88 11.61
CA GLU A 167 -17.90 -6.21 11.86
C GLU A 167 -16.59 -6.43 11.09
N VAL A 168 -16.56 -6.01 9.83
CA VAL A 168 -15.33 -6.07 9.05
C VAL A 168 -14.18 -5.27 9.69
N LEU A 169 -14.48 -4.08 10.19
CA LEU A 169 -13.46 -3.25 10.81
C LEU A 169 -13.01 -3.78 12.16
N GLU A 170 -13.95 -4.33 12.92
CA GLU A 170 -13.67 -4.85 14.26
C GLU A 170 -12.94 -6.20 14.20
N LYS A 171 -13.39 -7.09 13.31
CA LYS A 171 -12.87 -8.45 13.28
C LYS A 171 -11.63 -8.64 12.41
N ASP A 172 -11.62 -8.00 11.26
CA ASP A 172 -10.67 -8.33 10.19
C ASP A 172 -9.46 -7.39 10.11
N VAL A 173 -9.74 -6.09 10.13
CA VAL A 173 -8.71 -5.07 10.07
C VAL A 173 -8.26 -4.68 11.49
N GLY A 174 -9.15 -4.82 12.46
CA GLY A 174 -8.84 -4.51 13.84
C GLY A 174 -8.87 -3.02 14.12
N LEU A 175 -9.59 -2.62 15.16
CA LEU A 175 -9.72 -1.21 15.49
C LEU A 175 -8.43 -0.60 16.04
N ARG A 176 -7.54 -1.44 16.57
CA ARG A 176 -6.23 -0.96 17.04
C ARG A 176 -5.48 -0.20 15.93
N ARG A 177 -5.86 -0.43 14.67
CA ARG A 177 -5.27 0.30 13.53
C ARG A 177 -5.70 1.76 13.45
N PHE A 178 -6.73 2.13 14.20
CA PHE A 178 -7.28 3.49 14.21
C PHE A 178 -7.29 4.11 15.60
N PHE A 179 -7.34 3.27 16.63
CA PHE A 179 -7.55 3.75 17.97
C PHE A 179 -6.52 3.16 18.94
N PRO A 180 -6.17 3.90 20.00
CA PRO A 180 -5.19 3.41 20.98
C PRO A 180 -5.75 2.35 21.92
N LYS A 181 -4.89 1.44 22.41
CA LYS A 181 -5.34 0.30 23.23
C LYS A 181 -6.32 0.72 24.31
N SER A 182 -5.99 1.81 25.02
CA SER A 182 -6.82 2.31 26.13
C SER A 182 -8.25 2.65 25.69
N LEU A 183 -8.41 3.26 24.52
CA LEU A 183 -9.74 3.59 24.00
C LEU A 183 -10.62 2.37 23.87
N LEU A 184 -10.07 1.27 23.36
CA LEU A 184 -10.82 0.05 23.12
C LEU A 184 -11.13 -0.77 24.38
N ASP A 185 -10.23 -0.75 25.36
CA ASP A 185 -10.37 -1.53 26.59
C ASP A 185 -11.24 -0.84 27.63
N SER A 186 -11.34 0.48 27.53
CA SER A 186 -12.03 1.31 28.53
C SER A 186 -13.52 1.01 28.62
N VAL A 187 -14.14 0.77 27.46
CA VAL A 187 -15.59 0.63 27.37
C VAL A 187 -16.04 -0.70 26.74
N LYS A 188 -17.28 -1.09 27.03
CA LYS A 188 -17.90 -2.29 26.44
C LYS A 188 -17.92 -2.22 24.92
N ALA A 189 -17.84 -3.39 24.28
CA ALA A 189 -17.72 -3.49 22.82
C ALA A 189 -18.93 -2.93 22.07
N LYS A 190 -20.12 -3.15 22.61
CA LYS A 190 -21.35 -2.69 21.99
C LYS A 190 -21.47 -1.17 22.12
N THR A 191 -20.93 -0.65 23.21
CA THR A 191 -20.85 0.80 23.46
C THR A 191 -19.83 1.41 22.51
N LEU A 192 -18.73 0.68 22.33
CA LEU A 192 -17.67 1.08 21.40
C LEU A 192 -18.22 1.21 19.99
N ARG A 193 -19.02 0.23 19.58
CA ARG A 193 -19.68 0.25 18.28
C ARG A 193 -20.51 1.53 18.12
N LYS A 194 -21.35 1.81 19.12
CA LYS A 194 -22.23 2.98 19.06
C LYS A 194 -21.42 4.26 19.01
N LEU A 195 -20.38 4.35 19.83
CA LEU A 195 -19.50 5.51 19.88
C LEU A 195 -18.85 5.81 18.53
N ILE A 196 -18.25 4.80 17.90
CA ILE A 196 -17.60 4.96 16.60
C ILE A 196 -18.56 5.48 15.52
N GLN A 197 -19.69 4.80 15.33
CA GLN A 197 -20.67 5.20 14.34
C GLN A 197 -21.09 6.66 14.52
N GLN A 198 -21.32 7.04 15.78
CA GLN A 198 -21.85 8.35 16.10
C GLN A 198 -20.88 9.50 15.88
N THR A 199 -19.71 9.48 16.52
CA THR A 199 -18.73 10.55 16.30
C THR A 199 -18.23 10.59 14.84
N PHE A 200 -18.46 9.51 14.11
CA PHE A 200 -18.16 9.42 12.68
C PHE A 200 -19.06 10.35 11.85
N ARG A 201 -20.29 10.55 12.32
CA ARG A 201 -21.30 11.35 11.60
C ARG A 201 -20.83 12.76 11.17
N GLN A 202 -19.95 13.37 11.95
CA GLN A 202 -19.48 14.73 11.66
C GLN A 202 -18.41 14.76 10.58
N PHE A 203 -17.77 13.63 10.34
CA PHE A 203 -16.70 13.54 9.36
C PHE A 203 -17.08 12.67 8.17
N ALA A 204 -18.37 12.30 8.08
CA ALA A 204 -18.83 11.33 7.07
C ALA A 204 -18.67 11.81 5.64
N ASN A 205 -18.75 13.12 5.46
CA ASN A 205 -18.91 13.76 4.15
C ASN A 205 -17.60 14.16 3.47
N LEU A 206 -16.51 14.09 4.21
CA LEU A 206 -15.21 14.62 3.77
C LEU A 206 -14.46 13.66 2.86
N ASN A 207 -13.82 14.22 1.82
CA ASN A 207 -12.90 13.47 0.98
C ASN A 207 -11.58 13.18 1.71
N ARG A 208 -10.61 12.64 0.98
CA ARG A 208 -9.31 12.31 1.59
C ARG A 208 -8.57 13.53 2.12
N GLU A 209 -8.35 14.54 1.27
CA GLU A 209 -7.68 15.77 1.71
C GLU A 209 -8.32 16.34 2.98
N GLU A 210 -9.64 16.59 2.92
CA GLU A 210 -10.38 17.19 4.01
C GLU A 210 -10.28 16.41 5.31
N SER A 211 -10.19 15.08 5.21
CA SER A 211 -9.94 14.22 6.37
C SER A 211 -8.61 14.55 6.98
N ILE A 212 -7.57 14.49 6.15
CA ILE A 212 -6.20 14.79 6.55
C ILE A 212 -6.11 16.17 7.23
N LEU A 213 -6.64 17.19 6.54
CA LEU A 213 -6.55 18.56 7.04
C LEU A 213 -7.24 18.71 8.39
N LYS A 214 -8.48 18.23 8.49
CA LYS A 214 -9.19 18.24 9.77
C LYS A 214 -8.50 17.34 10.82
N PHE A 215 -7.79 16.31 10.36
CA PHE A 215 -7.02 15.45 11.26
C PHE A 215 -5.94 16.28 11.93
N PHE A 216 -5.20 17.03 11.12
CA PHE A 216 -4.21 17.98 11.64
C PHE A 216 -4.87 19.05 12.51
N GLU A 217 -5.88 19.73 11.98
CA GLU A 217 -6.67 20.75 12.72
C GLU A 217 -7.01 20.29 14.15
N ILE A 218 -7.48 19.06 14.27
CA ILE A 218 -7.88 18.49 15.55
C ILE A 218 -6.67 18.04 16.37
N LEU A 219 -5.56 17.76 15.68
CA LEU A 219 -4.35 17.29 16.38
C LEU A 219 -3.44 18.42 16.89
N SER A 220 -3.39 19.54 16.16
CA SER A 220 -2.44 20.61 16.44
C SER A 220 -2.54 21.30 17.82
N PRO A 221 -3.75 21.43 18.39
CA PRO A 221 -3.79 22.10 19.69
C PRO A 221 -3.35 21.20 20.85
N VAL A 222 -2.82 20.02 20.54
CA VAL A 222 -2.39 19.08 21.58
C VAL A 222 -1.13 18.26 21.24
N TYR A 223 -0.62 18.43 20.01
CA TYR A 223 0.64 17.79 19.63
C TYR A 223 1.54 18.73 18.83
N ARG A 224 2.79 18.80 19.26
CA ARG A 224 3.83 19.55 18.56
C ARG A 224 4.28 18.78 17.31
N PHE A 225 4.13 19.40 16.15
CA PHE A 225 4.59 18.83 14.88
C PHE A 225 4.92 19.90 13.83
N ASP A 226 4.88 21.16 14.26
CA ASP A 226 5.18 22.28 13.38
C ASP A 226 6.54 22.92 13.69
N LYS A 227 7.32 22.24 14.51
CA LYS A 227 8.68 22.66 14.84
C LYS A 227 9.39 21.64 15.71
N GLU A 228 10.71 21.81 15.86
CA GLU A 228 11.50 20.98 16.75
C GLU A 228 12.07 21.86 17.84
N CYS A 229 12.22 21.31 19.04
CA CYS A 229 12.70 22.07 20.20
C CYS A 229 13.94 21.48 20.87
N PHE A 230 14.87 22.36 21.21
CA PHE A 230 16.15 21.93 21.75
C PHE A 230 16.56 22.70 22.99
N LYS A 231 16.72 21.98 24.10
CA LYS A 231 17.41 22.53 25.25
C LYS A 231 18.86 22.71 24.81
N CYS A 232 19.34 23.94 24.94
CA CYS A 232 20.74 24.26 24.64
C CYS A 232 21.17 25.58 25.27
N ALA A 233 22.25 26.15 24.72
CA ALA A 233 22.79 27.41 25.22
C ALA A 233 23.15 28.38 24.10
N LEU A 234 23.32 29.65 24.46
CA LEU A 234 23.71 30.71 23.52
C LEU A 234 24.85 31.57 24.07
N GLY A 235 25.55 32.27 23.17
CA GLY A 235 26.63 33.17 23.57
C GLY A 235 28.01 32.55 23.39
N SER A 236 28.99 33.39 23.04
CA SER A 236 30.36 32.92 22.79
C SER A 236 31.32 33.10 23.98
N SER A 237 30.80 33.65 25.07
CA SER A 237 31.58 33.80 26.30
C SER A 237 30.65 33.66 27.51
N TRP A 238 29.59 34.47 27.52
CA TRP A 238 28.54 34.36 28.52
C TRP A 238 27.49 33.40 27.98
N ILE A 239 27.14 32.40 28.79
CA ILE A 239 26.32 31.27 28.34
C ILE A 239 24.99 31.19 29.09
N ILE A 240 23.89 31.17 28.33
CA ILE A 240 22.54 31.13 28.89
C ILE A 240 21.77 29.89 28.40
N SER A 241 21.14 29.19 29.35
CA SER A 241 20.27 28.06 29.02
C SER A 241 18.94 28.55 28.44
N VAL A 242 18.64 28.11 27.23
CA VAL A 242 17.38 28.43 26.56
C VAL A 242 16.82 27.19 25.88
N GLU A 243 15.50 27.16 25.69
CA GLU A 243 14.89 26.18 24.81
C GLU A 243 14.75 26.84 23.44
N LEU A 244 15.32 26.19 22.42
CA LEU A 244 15.25 26.69 21.05
C LEU A 244 14.08 26.08 20.28
N ALA A 245 13.28 26.94 19.68
CA ALA A 245 12.26 26.50 18.75
C ALA A 245 12.78 26.75 17.34
N ILE A 246 12.86 25.69 16.54
CA ILE A 246 13.24 25.81 15.15
C ILE A 246 12.09 25.37 14.25
N GLY A 247 11.51 26.33 13.54
CA GLY A 247 10.33 26.05 12.72
C GLY A 247 10.05 27.06 11.65
N PRO A 248 9.12 26.75 10.75
CA PRO A 248 8.85 27.60 9.60
C PRO A 248 8.19 28.93 9.97
N GLU A 249 7.39 28.94 11.03
CA GLU A 249 6.59 30.12 11.39
C GLU A 249 7.30 31.11 12.32
N GLU A 250 8.43 30.70 12.89
CA GLU A 250 9.22 31.58 13.76
C GLU A 250 10.74 31.38 13.61
N GLY A 251 11.13 30.78 12.48
CA GLY A 251 12.54 30.57 12.14
C GLY A 251 13.29 29.85 13.23
N ILE A 252 14.36 30.49 13.69
CA ILE A 252 15.08 30.10 14.90
C ILE A 252 14.65 31.07 16.00
N SER A 253 14.07 30.51 17.06
CA SER A 253 13.57 31.30 18.18
C SER A 253 13.96 30.62 19.49
N TYR A 254 13.83 31.34 20.60
CA TYR A 254 14.01 30.74 21.91
C TYR A 254 12.75 30.86 22.79
N LEU A 255 12.61 29.92 23.71
CA LEU A 255 11.41 29.81 24.55
C LEU A 255 11.71 30.20 25.99
N THR A 256 10.74 30.88 26.63
CA THR A 256 10.79 31.23 28.06
C THR A 256 9.41 31.58 28.67
N ASP A 257 8.67 30.59 29.20
CA ASP A 257 9.02 29.16 29.15
C ASP A 257 8.03 28.35 30.02
N LYS A 258 6.87 27.96 29.49
CA LYS A 258 6.25 28.50 28.28
C LYS A 258 5.00 29.23 28.79
N GLY A 259 4.16 29.76 27.90
CA GLY A 259 4.37 29.76 26.46
C GLY A 259 4.28 31.18 25.95
N ALA A 260 5.13 32.05 26.48
CA ALA A 260 5.20 33.45 26.08
C ALA A 260 5.61 33.55 24.62
N ASN A 261 5.06 34.55 23.92
CA ASN A 261 5.37 34.80 22.51
C ASN A 261 6.87 34.66 22.22
N PRO A 262 7.27 33.52 21.61
CA PRO A 262 8.68 33.16 21.50
C PRO A 262 9.49 34.26 20.83
N THR A 263 10.72 34.46 21.28
CA THR A 263 11.57 35.51 20.76
C THR A 263 12.25 35.06 19.47
N HIS A 264 11.93 35.76 18.39
CA HIS A 264 12.53 35.48 17.10
C HIS A 264 13.96 36.00 17.08
N LEU A 265 14.90 35.13 16.73
CA LEU A 265 16.31 35.52 16.62
C LEU A 265 16.70 35.74 15.17
N ALA A 266 16.58 34.68 14.38
CA ALA A 266 16.98 34.71 12.99
C ALA A 266 15.99 33.93 12.14
N ASP A 267 15.75 34.44 10.93
CA ASP A 267 15.04 33.69 9.91
C ASP A 267 16.05 32.92 9.07
N PHE A 268 15.57 32.10 8.14
CA PHE A 268 16.44 31.15 7.44
C PHE A 268 17.20 31.75 6.26
N ASN A 269 16.67 32.83 5.70
CA ASN A 269 17.38 33.54 4.63
C ASN A 269 18.60 34.33 5.13
N GLN A 270 18.60 34.65 6.42
CA GLN A 270 19.66 35.45 7.04
C GLN A 270 20.91 34.63 7.42
N VAL A 271 20.85 33.32 7.24
CA VAL A 271 21.95 32.42 7.58
C VAL A 271 22.95 32.35 6.43
N GLN A 272 24.25 32.28 6.77
CA GLN A 272 25.29 32.17 5.76
C GLN A 272 26.13 30.92 5.91
N THR A 273 26.58 30.64 7.12
CA THR A 273 27.39 29.44 7.37
C THR A 273 26.96 28.69 8.63
N ILE A 274 27.31 27.41 8.69
CA ILE A 274 27.04 26.54 9.83
C ILE A 274 28.29 25.71 10.12
N GLN A 275 28.73 25.71 11.37
CA GLN A 275 29.87 24.91 11.80
C GLN A 275 29.54 24.18 13.10
N TYR A 276 30.12 22.99 13.29
CA TYR A 276 29.93 22.23 14.53
C TYR A 276 31.17 21.43 14.91
N SER A 277 31.41 21.32 16.21
CA SER A 277 32.65 20.73 16.72
C SER A 277 32.39 19.82 17.92
N ASN A 278 33.45 19.23 18.47
CA ASN A 278 33.36 18.54 19.76
C ASN A 278 33.63 19.51 20.93
N SER A 279 33.42 20.80 20.67
CA SER A 279 33.38 21.89 21.66
C SER A 279 34.67 22.22 22.42
N GLU A 280 35.64 21.31 22.39
CA GLU A 280 36.93 21.46 23.11
C GLU A 280 37.46 22.89 23.16
N ASP A 281 37.75 23.44 24.35
CA ASP A 281 37.46 22.88 25.70
C ASP A 281 37.72 21.40 25.96
N LYS A 282 36.71 20.73 26.53
CA LYS A 282 36.57 19.27 26.53
C LYS A 282 35.11 18.92 26.86
N ASP A 283 34.90 17.70 27.40
CA ASP A 283 33.55 17.10 27.49
C ASP A 283 32.95 16.88 26.08
N ARG A 284 32.15 15.82 25.94
CA ARG A 284 31.65 15.39 24.63
C ARG A 284 30.50 16.25 24.08
N LYS A 285 30.35 17.46 24.61
CA LYS A 285 29.34 18.42 24.15
C LYS A 285 29.59 18.89 22.71
N GLY A 286 28.66 19.65 22.16
CA GLY A 286 28.77 20.11 20.77
C GLY A 286 28.52 21.60 20.58
N MET A 287 29.45 22.25 19.90
CA MET A 287 29.29 23.65 19.52
C MET A 287 28.48 23.72 18.25
N LEU A 288 27.87 24.87 18.01
CA LEU A 288 27.21 25.19 16.76
C LEU A 288 27.38 26.67 16.57
N GLN A 289 27.77 27.08 15.36
CA GLN A 289 28.09 28.48 15.11
C GLN A 289 27.45 28.95 13.81
N LEU A 290 26.57 29.94 13.92
CA LEU A 290 25.83 30.45 12.76
C LEU A 290 26.24 31.87 12.42
N LYS A 291 26.76 32.09 11.21
CA LYS A 291 27.00 33.44 10.72
C LYS A 291 25.73 33.97 10.06
N ILE A 292 25.30 35.15 10.51
CA ILE A 292 24.03 35.74 10.07
C ILE A 292 24.21 37.13 9.49
N ALA A 293 23.62 37.34 8.30
CA ALA A 293 23.73 38.59 7.53
C ALA A 293 23.43 39.86 8.36
N GLY A 294 24.38 40.79 8.35
CA GLY A 294 24.28 42.02 9.13
C GLY A 294 25.00 41.95 10.46
N ALA A 295 24.71 40.89 11.22
CA ALA A 295 25.31 40.67 12.53
C ALA A 295 26.78 40.29 12.43
N PRO A 296 27.65 41.02 13.15
CA PRO A 296 29.10 40.79 13.18
C PRO A 296 29.52 39.45 13.81
N GLU A 297 29.30 39.28 15.12
CA GLU A 297 29.70 38.05 15.81
C GLU A 297 28.66 36.94 15.68
N PRO A 298 29.11 35.69 15.41
CA PRO A 298 28.21 34.60 15.06
C PRO A 298 27.36 34.11 16.23
N LEU A 299 26.25 33.43 15.92
CA LEU A 299 25.35 32.90 16.93
C LEU A 299 25.78 31.49 17.37
N THR A 300 26.49 31.45 18.50
CA THR A 300 27.01 30.19 19.03
C THR A 300 25.91 29.44 19.80
N VAL A 301 25.88 28.12 19.61
CA VAL A 301 24.93 27.25 20.30
C VAL A 301 25.66 26.07 20.95
N THR A 302 25.52 25.92 22.26
CA THR A 302 26.14 24.81 23.00
C THR A 302 25.10 23.72 23.31
N ALA A 303 25.27 22.57 22.66
CA ALA A 303 24.35 21.44 22.80
C ALA A 303 24.91 20.40 23.78
N PRO A 304 24.01 19.64 24.45
CA PRO A 304 24.47 18.67 25.47
C PRO A 304 25.42 17.58 24.94
N SER A 305 25.27 17.21 23.67
CA SER A 305 26.14 16.20 23.04
C SER A 305 26.51 16.55 21.61
N LEU A 306 27.54 15.88 21.09
CA LEU A 306 27.94 16.05 19.70
C LEU A 306 26.78 15.75 18.75
N THR A 307 26.09 14.65 19.02
CA THR A 307 24.95 14.19 18.20
C THR A 307 23.86 15.24 18.06
N ILE A 308 23.52 15.88 19.17
CA ILE A 308 22.48 16.91 19.21
C ILE A 308 22.81 18.10 18.31
N ALA A 309 24.08 18.51 18.30
CA ALA A 309 24.56 19.57 17.42
C ALA A 309 24.54 19.12 15.96
N GLU A 310 25.01 17.90 15.70
CA GLU A 310 24.92 17.30 14.37
C GLU A 310 23.47 17.20 13.86
N ASN A 311 22.53 17.12 14.80
CA ASN A 311 21.11 17.16 14.48
C ASN A 311 20.61 18.58 14.29
N MET A 312 20.93 19.47 15.22
CA MET A 312 20.61 20.88 15.05
C MET A 312 21.16 21.42 13.72
N ALA A 313 22.39 21.05 13.40
CA ALA A 313 22.99 21.42 12.11
C ALA A 313 22.12 20.95 10.97
N ASP A 314 21.95 19.64 10.83
CA ASP A 314 21.13 19.11 9.74
C ASP A 314 19.86 19.91 9.57
N LEU A 315 19.27 20.31 10.70
CA LEU A 315 17.96 20.99 10.70
C LEU A 315 17.99 22.38 10.10
N ILE A 316 18.89 23.24 10.59
CA ILE A 316 19.05 24.57 10.02
C ILE A 316 19.64 24.43 8.61
N ASP A 317 20.52 23.44 8.45
CA ASP A 317 21.06 23.12 7.13
C ASP A 317 19.92 22.82 6.17
N GLY A 318 18.96 22.02 6.62
CA GLY A 318 17.81 21.65 5.79
C GLY A 318 16.94 22.83 5.39
N TYR A 319 16.66 23.68 6.37
CA TYR A 319 15.83 24.88 6.18
C TYR A 319 16.47 25.95 5.31
N CYS A 320 17.79 26.12 5.46
CA CYS A 320 18.56 27.06 4.64
C CYS A 320 18.48 26.68 3.18
N ARG A 321 18.69 25.40 2.90
CA ARG A 321 18.52 24.86 1.55
C ARG A 321 17.13 25.20 0.98
N LEU A 322 16.09 24.90 1.74
CA LEU A 322 14.69 25.09 1.31
C LEU A 322 14.30 26.55 1.05
N VAL A 323 14.56 27.42 2.03
CA VAL A 323 14.13 28.82 2.00
C VAL A 323 14.86 29.60 0.90
N ASN A 324 16.09 29.20 0.62
CA ASN A 324 16.81 29.69 -0.54
C ASN A 324 16.29 28.96 -1.79
N GLY A 325 17.19 28.28 -2.51
CA GLY A 325 16.83 27.40 -3.62
C GLY A 325 18.00 26.50 -3.90
N ALA A 326 18.83 26.29 -2.87
CA ALA A 326 20.14 25.67 -3.00
C ALA A 326 20.12 24.15 -2.83
N THR A 327 21.03 23.48 -3.52
CA THR A 327 21.23 22.03 -3.37
C THR A 327 22.53 21.78 -2.59
N GLN A 328 23.49 22.67 -2.76
CA GLN A 328 24.71 22.73 -1.92
C GLN A 328 24.34 23.09 -0.49
N SER A 329 24.83 22.31 0.48
CA SER A 329 24.52 22.59 1.89
C SER A 329 25.22 23.86 2.38
N PHE A 330 24.83 24.32 3.57
CA PHE A 330 25.35 25.57 4.14
C PHE A 330 26.31 25.34 5.32
N ILE A 331 26.71 24.09 5.53
CA ILE A 331 27.65 23.76 6.60
C ILE A 331 29.10 24.05 6.15
N ASP B 4 12.27 -29.23 -11.30
CA ASP B 4 12.63 -27.93 -11.94
C ASP B 4 11.74 -27.65 -13.13
N TYR B 5 11.21 -26.42 -13.18
CA TYR B 5 10.33 -26.02 -14.26
C TYR B 5 11.05 -25.18 -15.30
N GLU B 6 12.37 -25.09 -15.15
CA GLU B 6 13.21 -24.31 -16.06
C GLU B 6 13.25 -24.89 -17.48
N ILE B 7 13.00 -24.02 -18.45
CA ILE B 7 12.96 -24.41 -19.84
C ILE B 7 14.03 -23.68 -20.64
N GLN B 8 14.67 -24.39 -21.56
CA GLN B 8 15.68 -23.81 -22.43
C GLN B 8 14.95 -23.12 -23.58
N ARG B 9 15.23 -21.85 -23.77
CA ARG B 9 14.57 -21.04 -24.83
C ARG B 9 14.62 -21.67 -26.22
N GLU B 10 15.69 -22.39 -26.54
CA GLU B 10 15.82 -23.15 -27.78
C GLU B 10 14.61 -24.03 -28.01
N ARG B 11 13.98 -24.48 -26.93
CA ARG B 11 12.92 -25.44 -27.09
C ARG B 11 11.55 -24.77 -27.19
N ILE B 12 11.55 -23.44 -27.21
CA ILE B 12 10.35 -22.62 -27.42
C ILE B 12 10.42 -21.74 -28.67
N GLU B 13 9.48 -21.95 -29.60
CA GLU B 13 9.28 -21.04 -30.72
C GLU B 13 8.15 -20.07 -30.34
N LEU B 14 8.50 -18.80 -30.19
CA LEU B 14 7.50 -17.78 -29.90
C LEU B 14 6.64 -17.57 -31.13
N GLY B 15 5.35 -17.49 -30.92
CA GLY B 15 4.44 -17.22 -32.01
C GLY B 15 3.66 -15.95 -31.79
N ARG B 16 2.48 -15.94 -32.38
CA ARG B 16 1.55 -14.83 -32.39
C ARG B 16 1.28 -14.35 -30.96
N CYS B 17 0.78 -13.13 -30.84
CA CYS B 17 0.38 -12.57 -29.55
C CYS B 17 -1.11 -12.78 -29.34
N ILE B 18 -1.51 -13.13 -28.12
CA ILE B 18 -2.92 -13.46 -27.84
C ILE B 18 -3.62 -12.66 -26.73
N GLY B 19 -2.86 -11.97 -25.88
CA GLY B 19 -3.48 -11.16 -24.85
C GLY B 19 -2.65 -10.01 -24.35
N GLU B 20 -3.26 -9.17 -23.51
CA GLU B 20 -2.52 -8.14 -22.78
C GLU B 20 -2.74 -8.28 -21.27
N GLY B 21 -1.68 -8.67 -20.56
CA GLY B 21 -1.69 -8.66 -19.09
C GLY B 21 -1.17 -7.31 -18.65
N GLN B 22 -0.91 -7.14 -17.36
CA GLN B 22 -0.14 -5.95 -16.96
C GLN B 22 1.21 -6.29 -16.34
N PHE B 23 2.01 -6.95 -17.16
CA PHE B 23 3.44 -7.00 -17.00
C PHE B 23 3.96 -7.00 -18.41
N GLY B 24 3.30 -7.79 -19.25
CA GLY B 24 3.63 -7.90 -20.66
C GLY B 24 2.68 -8.83 -21.37
N ASP B 25 2.78 -8.81 -22.70
CA ASP B 25 1.88 -9.53 -23.59
C ASP B 25 1.84 -11.03 -23.33
N VAL B 26 0.73 -11.65 -23.71
CA VAL B 26 0.65 -13.11 -23.77
C VAL B 26 0.80 -13.54 -25.21
N HIS B 27 1.64 -14.56 -25.41
CA HIS B 27 1.85 -15.14 -26.72
C HIS B 27 1.44 -16.59 -26.78
N GLN B 28 1.09 -17.01 -27.99
CA GLN B 28 0.91 -18.41 -28.32
C GLN B 28 2.27 -18.91 -28.85
N GLY B 29 2.61 -20.18 -28.59
CA GLY B 29 3.90 -20.69 -29.09
C GLY B 29 3.96 -22.19 -29.28
N ILE B 30 5.15 -22.70 -29.61
CA ILE B 30 5.37 -24.15 -29.70
C ILE B 30 6.47 -24.57 -28.72
N TYR B 31 6.29 -25.71 -28.07
CA TYR B 31 7.31 -26.27 -27.17
C TYR B 31 7.75 -27.66 -27.59
N MET B 32 8.97 -27.75 -28.12
CA MET B 32 9.60 -29.02 -28.45
C MET B 32 10.18 -29.66 -27.21
N SER B 33 9.32 -30.31 -26.45
CA SER B 33 9.74 -31.15 -25.33
C SER B 33 10.29 -32.44 -25.92
N PRO B 34 11.20 -33.14 -25.20
CA PRO B 34 11.47 -34.50 -25.66
C PRO B 34 10.39 -35.46 -25.17
N GLU B 35 9.45 -34.96 -24.34
CA GLU B 35 8.32 -35.73 -23.81
C GLU B 35 7.64 -36.53 -24.92
N ASN B 36 7.04 -35.80 -25.86
CA ASN B 36 6.80 -36.36 -27.20
C ASN B 36 6.86 -35.24 -28.26
N PRO B 37 5.76 -34.97 -29.00
CA PRO B 37 6.01 -34.04 -30.08
C PRO B 37 5.78 -32.59 -29.65
N ALA B 38 5.63 -31.70 -30.63
CA ALA B 38 5.54 -30.26 -30.42
C ALA B 38 4.24 -29.77 -29.72
N LEU B 39 4.33 -29.60 -28.41
CA LEU B 39 3.24 -29.10 -27.58
C LEU B 39 2.88 -27.67 -27.95
N ALA B 40 1.61 -27.30 -27.79
CA ALA B 40 1.14 -25.93 -28.05
C ALA B 40 0.97 -25.21 -26.73
N VAL B 41 1.77 -24.17 -26.54
CA VAL B 41 1.83 -23.46 -25.28
C VAL B 41 1.40 -21.99 -25.38
N ALA B 42 1.07 -21.43 -24.23
CA ALA B 42 0.89 -20.02 -24.07
C ALA B 42 2.10 -19.51 -23.30
N ILE B 43 2.62 -18.38 -23.73
CA ILE B 43 3.87 -17.84 -23.24
C ILE B 43 3.55 -16.49 -22.69
N LYS B 44 3.83 -16.32 -21.41
CA LYS B 44 3.62 -15.04 -20.77
C LYS B 44 4.96 -14.34 -20.67
N THR B 45 5.00 -13.07 -21.06
CA THR B 45 6.25 -12.32 -21.14
C THR B 45 6.23 -11.08 -20.25
N CYS B 46 7.38 -10.43 -20.11
CA CYS B 46 7.50 -9.29 -19.23
C CYS B 46 8.21 -8.14 -19.93
N LYS B 47 7.67 -6.93 -19.76
CA LYS B 47 8.22 -5.72 -20.40
C LYS B 47 9.41 -5.13 -19.64
N ASN B 48 9.24 -4.91 -18.33
CA ASN B 48 10.27 -4.29 -17.51
C ASN B 48 11.26 -5.29 -16.88
N CYS B 49 11.65 -6.30 -17.66
CA CYS B 49 12.65 -7.29 -17.24
C CYS B 49 13.93 -6.66 -16.71
N THR B 50 14.29 -5.51 -17.27
CA THR B 50 15.42 -4.74 -16.79
C THR B 50 15.07 -4.04 -15.47
N SER B 51 14.78 -4.86 -14.45
CA SER B 51 14.62 -4.42 -13.06
C SER B 51 14.32 -5.63 -12.16
N ASP B 52 15.05 -5.73 -11.06
CA ASP B 52 14.93 -6.86 -10.13
C ASP B 52 13.52 -7.00 -9.54
N SER B 53 12.91 -5.85 -9.20
CA SER B 53 11.62 -5.80 -8.53
C SER B 53 10.48 -6.41 -9.36
N VAL B 54 10.35 -5.96 -10.60
CA VAL B 54 9.29 -6.43 -11.49
C VAL B 54 9.44 -7.93 -11.73
N ARG B 55 10.67 -8.35 -12.02
CA ARG B 55 10.96 -9.76 -12.26
C ARG B 55 10.59 -10.62 -11.05
N GLU B 56 11.04 -10.20 -9.86
CA GLU B 56 10.76 -10.93 -8.61
C GLU B 56 9.28 -11.34 -8.52
N LYS B 57 8.41 -10.36 -8.85
CA LYS B 57 6.98 -10.56 -8.78
C LYS B 57 6.44 -11.34 -9.98
N PHE B 58 6.86 -10.95 -11.18
CA PHE B 58 6.44 -11.66 -12.39
C PHE B 58 6.64 -13.17 -12.25
N LEU B 59 7.83 -13.56 -11.75
CA LEU B 59 8.16 -14.98 -11.55
C LEU B 59 7.27 -15.64 -10.49
N GLN B 60 6.98 -14.92 -9.41
CA GLN B 60 6.06 -15.45 -8.38
C GLN B 60 4.82 -16.12 -9.00
N GLU B 61 4.14 -15.41 -9.92
CA GLU B 61 2.98 -16.00 -10.61
C GLU B 61 3.24 -17.48 -10.92
N ALA B 62 4.40 -17.77 -11.53
CA ALA B 62 4.78 -19.11 -11.93
C ALA B 62 5.03 -19.99 -10.71
N LEU B 63 5.61 -19.39 -9.68
CA LEU B 63 6.02 -20.10 -8.49
C LEU B 63 4.85 -20.51 -7.60
N THR B 64 3.72 -19.78 -7.73
CA THR B 64 2.53 -20.17 -6.96
C THR B 64 1.82 -21.25 -7.77
N MET B 65 1.61 -20.95 -9.05
CA MET B 65 1.03 -21.90 -10.01
C MET B 65 1.63 -23.30 -9.92
N ARG B 66 2.87 -23.39 -9.47
CA ARG B 66 3.51 -24.69 -9.30
C ARG B 66 2.63 -25.55 -8.41
N GLN B 67 2.36 -25.03 -7.19
CA GLN B 67 1.56 -25.72 -6.17
C GLN B 67 0.21 -26.28 -6.62
N PHE B 68 -0.31 -25.84 -7.78
CA PHE B 68 -1.62 -26.31 -8.24
C PHE B 68 -1.55 -27.42 -9.28
N ASP B 69 -2.36 -28.45 -9.09
CA ASP B 69 -2.60 -29.46 -10.10
C ASP B 69 -4.09 -29.85 -10.13
N HIS B 70 -4.78 -29.44 -11.19
CA HIS B 70 -6.25 -29.53 -11.28
C HIS B 70 -6.75 -29.47 -12.72
N PRO B 71 -7.71 -30.36 -13.08
CA PRO B 71 -8.30 -30.45 -14.40
C PRO B 71 -8.86 -29.15 -15.00
N HIS B 72 -9.12 -28.16 -14.15
CA HIS B 72 -9.77 -26.91 -14.60
C HIS B 72 -9.02 -25.63 -14.22
N ILE B 73 -7.73 -25.79 -13.96
CA ILE B 73 -6.84 -24.66 -13.74
C ILE B 73 -5.73 -24.88 -14.75
N VAL B 74 -5.45 -23.88 -15.59
CA VAL B 74 -4.34 -24.01 -16.55
C VAL B 74 -3.02 -24.42 -15.90
N LYS B 75 -2.38 -25.43 -16.49
CA LYS B 75 -1.12 -25.97 -15.94
C LYS B 75 0.02 -25.01 -16.18
N LEU B 76 1.01 -25.02 -15.31
CA LEU B 76 2.27 -24.34 -15.60
C LEU B 76 3.15 -25.40 -16.22
N ILE B 77 3.55 -25.18 -17.46
CA ILE B 77 4.45 -26.11 -18.10
C ILE B 77 5.89 -25.83 -17.67
N GLY B 78 6.30 -24.57 -17.69
CA GLY B 78 7.59 -24.20 -17.12
C GLY B 78 7.93 -22.73 -17.18
N VAL B 79 9.18 -22.42 -16.82
CA VAL B 79 9.66 -21.05 -16.84
C VAL B 79 11.05 -20.93 -17.44
N ILE B 80 11.19 -19.92 -18.30
CA ILE B 80 12.49 -19.49 -18.78
C ILE B 80 12.86 -18.26 -17.97
N THR B 81 13.81 -18.42 -17.05
CA THR B 81 14.11 -17.41 -16.04
C THR B 81 15.16 -16.37 -16.45
N GLU B 82 15.45 -16.29 -17.75
CA GLU B 82 16.52 -15.42 -18.21
C GLU B 82 15.94 -14.36 -19.13
N ASN B 83 16.48 -13.13 -19.05
CA ASN B 83 15.86 -11.98 -19.70
C ASN B 83 15.75 -12.10 -21.22
N PRO B 84 14.55 -11.85 -21.78
CA PRO B 84 13.28 -11.53 -21.13
C PRO B 84 12.58 -12.77 -20.57
N VAL B 85 12.20 -12.71 -19.30
CA VAL B 85 11.62 -13.86 -18.59
C VAL B 85 10.29 -14.30 -19.18
N TRP B 86 10.10 -15.61 -19.31
CA TRP B 86 8.85 -16.17 -19.86
C TRP B 86 8.27 -17.23 -18.97
N ILE B 87 6.96 -17.22 -18.83
CA ILE B 87 6.26 -18.29 -18.12
C ILE B 87 5.54 -19.10 -19.18
N ILE B 88 5.88 -20.37 -19.26
CA ILE B 88 5.28 -21.22 -20.29
C ILE B 88 4.18 -22.02 -19.65
N MET B 89 2.99 -21.93 -20.24
CA MET B 89 1.83 -22.65 -19.70
C MET B 89 0.96 -23.16 -20.81
N GLU B 90 -0.04 -24.00 -20.50
CA GLU B 90 -0.77 -24.69 -21.55
C GLU B 90 -1.75 -23.79 -22.29
N LEU B 91 -1.87 -24.01 -23.59
CA LEU B 91 -2.71 -23.16 -24.40
C LEU B 91 -4.13 -23.69 -24.40
N CYS B 92 -5.07 -22.83 -23.99
CA CYS B 92 -6.50 -23.13 -24.14
C CYS B 92 -7.02 -22.69 -25.50
N THR B 93 -6.98 -23.62 -26.43
CA THR B 93 -7.12 -23.31 -27.84
C THR B 93 -8.41 -22.60 -28.23
N LEU B 94 -9.49 -22.91 -27.53
CA LEU B 94 -10.80 -22.33 -27.86
C LEU B 94 -11.06 -20.97 -27.18
N GLY B 95 -10.03 -20.43 -26.52
CA GLY B 95 -10.02 -19.02 -26.17
C GLY B 95 -10.89 -18.59 -25.03
N GLU B 96 -11.18 -17.29 -24.98
CA GLU B 96 -11.87 -16.70 -23.85
C GLU B 96 -13.35 -17.02 -23.80
N LEU B 97 -13.83 -17.34 -22.60
CA LEU B 97 -15.18 -17.80 -22.38
C LEU B 97 -16.25 -16.83 -22.93
N ARG B 98 -16.08 -15.53 -22.69
CA ARG B 98 -17.10 -14.57 -23.10
C ARG B 98 -17.34 -14.63 -24.60
N SER B 99 -16.25 -14.72 -25.34
CA SER B 99 -16.29 -14.74 -26.78
C SER B 99 -16.80 -16.08 -27.26
N PHE B 100 -16.51 -17.12 -26.48
CA PHE B 100 -16.93 -18.46 -26.82
C PHE B 100 -18.44 -18.54 -26.73
N LEU B 101 -18.99 -18.04 -25.63
CA LEU B 101 -20.41 -18.08 -25.39
C LEU B 101 -21.20 -17.20 -26.36
N GLN B 102 -20.69 -16.00 -26.63
CA GLN B 102 -21.35 -15.04 -27.51
C GLN B 102 -21.56 -15.62 -28.89
N VAL B 103 -20.48 -16.19 -29.44
CA VAL B 103 -20.53 -16.79 -30.77
C VAL B 103 -21.55 -17.92 -30.80
N ARG B 104 -21.59 -18.68 -29.71
CA ARG B 104 -22.38 -19.91 -29.63
C ARG B 104 -23.64 -19.77 -28.79
N LYS B 105 -24.12 -18.54 -28.64
CA LYS B 105 -25.37 -18.27 -27.93
C LYS B 105 -26.47 -19.32 -28.19
N TYR B 106 -26.75 -19.53 -29.48
CA TYR B 106 -27.85 -20.40 -29.92
C TYR B 106 -27.46 -21.83 -30.28
N SER B 107 -26.27 -22.27 -29.87
CA SER B 107 -25.83 -23.62 -30.18
C SER B 107 -25.35 -24.37 -28.94
N LEU B 108 -25.40 -23.69 -27.80
CA LEU B 108 -25.02 -24.27 -26.53
C LEU B 108 -26.22 -24.45 -25.61
N ASP B 109 -26.39 -25.69 -25.15
CA ASP B 109 -27.47 -26.05 -24.25
C ASP B 109 -27.21 -25.60 -22.83
N LEU B 110 -28.29 -25.54 -22.06
CA LEU B 110 -28.25 -25.23 -20.65
C LEU B 110 -27.28 -26.14 -19.92
N ALA B 111 -27.33 -27.43 -20.23
CA ALA B 111 -26.48 -28.40 -19.59
C ALA B 111 -25.00 -28.04 -19.70
N SER B 112 -24.58 -27.56 -20.87
CA SER B 112 -23.19 -27.19 -21.07
C SER B 112 -22.86 -25.96 -20.21
N LEU B 113 -23.78 -25.00 -20.19
CA LEU B 113 -23.60 -23.81 -19.38
C LEU B 113 -23.46 -24.19 -17.91
N ILE B 114 -24.37 -25.05 -17.43
CA ILE B 114 -24.29 -25.50 -16.04
C ILE B 114 -23.00 -26.29 -15.83
N LEU B 115 -22.52 -26.96 -16.88
CA LEU B 115 -21.31 -27.76 -16.78
C LEU B 115 -20.13 -26.85 -16.49
N TYR B 116 -20.01 -25.74 -17.24
CA TYR B 116 -18.92 -24.80 -17.03
C TYR B 116 -18.92 -24.27 -15.61
N ALA B 117 -20.06 -23.72 -15.18
CA ALA B 117 -20.21 -23.24 -13.82
C ALA B 117 -19.66 -24.29 -12.85
N TYR B 118 -20.12 -25.55 -12.98
CA TYR B 118 -19.64 -26.62 -12.11
C TYR B 118 -18.11 -26.84 -12.17
N GLN B 119 -17.58 -26.97 -13.37
CA GLN B 119 -16.13 -27.13 -13.52
C GLN B 119 -15.42 -25.99 -12.79
N LEU B 120 -15.82 -24.76 -13.10
CA LEU B 120 -15.35 -23.57 -12.40
C LEU B 120 -15.37 -23.70 -10.90
N SER B 121 -16.39 -24.36 -10.37
CA SER B 121 -16.51 -24.44 -8.94
C SER B 121 -15.61 -25.52 -8.37
N THR B 122 -15.28 -26.54 -9.16
CA THR B 122 -14.29 -27.54 -8.72
C THR B 122 -12.94 -26.88 -8.58
N ALA B 123 -12.61 -26.03 -9.55
CA ALA B 123 -11.41 -25.20 -9.54
C ALA B 123 -11.34 -24.38 -8.28
N LEU B 124 -12.38 -23.58 -8.05
CA LEU B 124 -12.42 -22.67 -6.92
C LEU B 124 -12.47 -23.35 -5.56
N ALA B 125 -13.15 -24.49 -5.47
CA ALA B 125 -13.13 -25.33 -4.28
C ALA B 125 -11.73 -25.87 -4.05
N TYR B 126 -11.11 -26.34 -5.12
CA TYR B 126 -9.73 -26.76 -5.06
C TYR B 126 -8.85 -25.68 -4.43
N LEU B 127 -8.99 -24.44 -4.91
CA LEU B 127 -8.17 -23.34 -4.43
C LEU B 127 -8.41 -22.97 -2.97
N GLU B 128 -9.67 -23.00 -2.51
CA GLU B 128 -9.91 -22.71 -1.11
C GLU B 128 -9.25 -23.75 -0.22
N SER B 129 -9.27 -25.02 -0.64
CA SER B 129 -8.57 -26.08 0.10
C SER B 129 -7.07 -25.81 0.20
N LYS B 130 -6.60 -24.86 -0.59
CA LYS B 130 -5.20 -24.45 -0.58
C LYS B 130 -5.03 -23.03 -0.03
N ARG B 131 -6.09 -22.54 0.62
CA ARG B 131 -6.15 -21.18 1.15
C ARG B 131 -5.90 -20.03 0.15
N PHE B 132 -5.93 -20.31 -1.15
CA PHE B 132 -5.57 -19.27 -2.12
C PHE B 132 -6.80 -18.51 -2.59
N VAL B 133 -6.74 -17.19 -2.48
CA VAL B 133 -7.83 -16.30 -2.92
C VAL B 133 -7.53 -15.71 -4.29
N HIS B 134 -8.45 -15.90 -5.23
CA HIS B 134 -8.24 -15.46 -6.62
C HIS B 134 -8.29 -13.95 -6.83
N ARG B 135 -9.32 -13.28 -6.30
CA ARG B 135 -9.50 -11.82 -6.36
C ARG B 135 -10.08 -11.27 -7.68
N ASP B 136 -10.31 -12.14 -8.66
CA ASP B 136 -10.87 -11.70 -9.94
C ASP B 136 -11.48 -12.85 -10.73
N ILE B 137 -12.45 -13.54 -10.12
CA ILE B 137 -13.19 -14.58 -10.80
C ILE B 137 -14.19 -13.87 -11.72
N ALA B 138 -14.12 -14.19 -13.00
CA ALA B 138 -14.98 -13.58 -14.01
C ALA B 138 -14.79 -14.35 -15.30
N ALA B 139 -15.78 -14.30 -16.17
CA ALA B 139 -15.70 -15.02 -17.43
C ALA B 139 -14.42 -14.67 -18.19
N ARG B 140 -14.07 -13.37 -18.22
CA ARG B 140 -12.89 -12.91 -18.95
C ARG B 140 -11.57 -13.57 -18.49
N ASN B 141 -11.56 -14.14 -17.30
CA ASN B 141 -10.41 -14.90 -16.82
C ASN B 141 -10.58 -16.41 -16.90
N VAL B 142 -11.57 -16.85 -17.68
CA VAL B 142 -11.82 -18.27 -17.88
C VAL B 142 -11.53 -18.64 -19.34
N LEU B 143 -10.68 -19.63 -19.55
CA LEU B 143 -10.36 -20.00 -20.92
C LEU B 143 -11.03 -21.32 -21.25
N VAL B 144 -11.31 -21.54 -22.51
CA VAL B 144 -11.97 -22.77 -22.92
C VAL B 144 -10.99 -23.71 -23.58
N SER B 145 -10.83 -24.88 -22.98
CA SER B 145 -9.88 -25.88 -23.43
C SER B 145 -10.51 -26.79 -24.48
N SER B 146 -11.78 -27.15 -24.23
CA SER B 146 -12.60 -27.94 -25.14
C SER B 146 -14.09 -27.56 -25.02
N ASN B 147 -14.95 -28.20 -25.83
CA ASN B 147 -16.40 -28.00 -25.71
C ASN B 147 -16.85 -28.23 -24.28
N ASP B 148 -16.38 -29.36 -23.76
CA ASP B 148 -16.78 -29.88 -22.48
C ASP B 148 -15.73 -29.60 -21.41
N CYS B 149 -14.99 -28.50 -21.57
CA CYS B 149 -13.88 -28.22 -20.65
C CYS B 149 -13.37 -26.78 -20.58
N VAL B 150 -13.67 -26.11 -19.47
CA VAL B 150 -13.11 -24.79 -19.19
C VAL B 150 -12.06 -24.84 -18.09
N LYS B 151 -11.18 -23.84 -18.10
CA LYS B 151 -10.09 -23.75 -17.13
C LYS B 151 -9.94 -22.32 -16.64
N LEU B 152 -9.61 -22.19 -15.36
CA LEU B 152 -9.35 -20.88 -14.76
C LEU B 152 -7.89 -20.47 -14.93
N GLY B 153 -7.70 -19.21 -15.32
CA GLY B 153 -6.39 -18.64 -15.58
C GLY B 153 -6.03 -17.39 -14.78
N ASP B 154 -4.76 -17.03 -14.83
CA ASP B 154 -4.14 -16.02 -13.97
C ASP B 154 -2.67 -16.45 -13.67
N PHE B 155 -2.13 -16.34 -12.44
CA PHE B 155 -2.74 -15.85 -11.20
C PHE B 155 -1.83 -14.74 -10.69
N GLY B 156 -2.21 -13.48 -10.94
CA GLY B 156 -1.36 -12.32 -10.62
C GLY B 156 -2.05 -11.17 -9.89
N LEU B 157 -1.25 -10.41 -9.14
CA LEU B 157 -1.76 -9.31 -8.31
C LEU B 157 -1.20 -7.95 -8.72
N LEU B 174 -10.00 -1.49 -11.82
CA LEU B 174 -10.76 -2.28 -10.85
C LEU B 174 -12.07 -2.85 -11.41
N PRO B 175 -12.32 -4.16 -11.18
CA PRO B 175 -13.54 -4.79 -11.67
C PRO B 175 -14.70 -4.59 -10.69
N ILE B 176 -15.14 -3.35 -10.54
CA ILE B 176 -16.20 -2.96 -9.60
C ILE B 176 -17.48 -3.78 -9.75
N LYS B 177 -17.92 -3.99 -11.00
CA LYS B 177 -19.17 -4.70 -11.28
C LYS B 177 -19.17 -6.16 -10.86
N TRP B 178 -17.99 -6.69 -10.51
CA TRP B 178 -17.86 -8.08 -10.14
C TRP B 178 -17.65 -8.24 -8.65
N MET B 179 -17.23 -7.18 -8.01
CA MET B 179 -16.74 -7.27 -6.65
C MET B 179 -17.82 -7.23 -5.56
N ALA B 180 -17.57 -8.02 -4.52
CA ALA B 180 -18.35 -8.00 -3.30
C ALA B 180 -18.27 -6.63 -2.66
N PRO B 181 -19.35 -6.21 -1.98
CA PRO B 181 -19.37 -4.93 -1.31
C PRO B 181 -18.12 -4.69 -0.48
N GLU B 182 -17.77 -5.64 0.39
CA GLU B 182 -16.60 -5.51 1.28
C GLU B 182 -15.28 -5.28 0.53
N SER B 183 -15.20 -5.74 -0.71
CA SER B 183 -14.06 -5.43 -1.56
C SER B 183 -14.09 -3.98 -2.02
N ILE B 184 -15.27 -3.42 -2.22
CA ILE B 184 -15.39 -2.02 -2.60
C ILE B 184 -15.18 -1.13 -1.38
N ASN B 185 -15.90 -1.45 -0.30
CA ASN B 185 -15.90 -0.63 0.91
C ASN B 185 -14.56 -0.63 1.63
N PHE B 186 -14.08 -1.82 1.96
CA PHE B 186 -12.91 -1.96 2.82
C PHE B 186 -11.80 -2.80 2.22
N ARG B 187 -11.82 -3.03 0.91
CA ARG B 187 -10.71 -3.65 0.19
C ARG B 187 -10.28 -5.00 0.79
N ARG B 188 -11.22 -5.69 1.45
CA ARG B 188 -10.97 -7.02 1.98
C ARG B 188 -11.32 -8.04 0.92
N PHE B 189 -10.36 -8.92 0.61
CA PHE B 189 -10.58 -9.98 -0.36
C PHE B 189 -10.41 -11.33 0.32
N THR B 190 -11.46 -12.14 0.28
CA THR B 190 -11.46 -13.44 0.95
C THR B 190 -12.09 -14.49 0.06
N SER B 191 -12.13 -15.72 0.58
CA SER B 191 -12.88 -16.81 -0.03
C SER B 191 -14.33 -16.41 -0.28
N ALA B 192 -14.92 -15.71 0.68
CA ALA B 192 -16.32 -15.33 0.62
C ALA B 192 -16.55 -14.20 -0.38
N SER B 193 -15.57 -13.32 -0.56
CA SER B 193 -15.66 -12.33 -1.64
C SER B 193 -15.53 -13.04 -2.98
N ASP B 194 -14.66 -14.05 -3.05
CA ASP B 194 -14.52 -14.91 -4.22
C ASP B 194 -15.86 -15.53 -4.64
N VAL B 195 -16.56 -16.11 -3.67
CA VAL B 195 -17.88 -16.68 -3.88
C VAL B 195 -18.82 -15.61 -4.46
N TRP B 196 -18.75 -14.38 -3.95
CA TRP B 196 -19.51 -13.30 -4.56
C TRP B 196 -19.24 -13.19 -6.04
N MET B 197 -17.96 -13.13 -6.41
CA MET B 197 -17.57 -12.90 -7.80
C MET B 197 -17.93 -14.11 -8.65
N PHE B 198 -17.75 -15.30 -8.10
CA PHE B 198 -18.21 -16.50 -8.76
C PHE B 198 -19.69 -16.43 -9.15
N GLY B 199 -20.52 -15.79 -8.33
CA GLY B 199 -21.94 -15.70 -8.61
C GLY B 199 -22.17 -14.86 -9.86
N VAL B 200 -21.57 -13.67 -9.88
CA VAL B 200 -21.59 -12.82 -11.05
C VAL B 200 -21.11 -13.66 -12.23
N CYS B 201 -20.09 -14.48 -12.00
CA CYS B 201 -19.52 -15.30 -13.06
C CYS B 201 -20.50 -16.30 -13.64
N MET B 202 -21.17 -17.08 -12.79
CA MET B 202 -22.29 -17.92 -13.23
C MET B 202 -23.32 -17.12 -14.03
N TRP B 203 -23.61 -15.90 -13.56
CA TRP B 203 -24.56 -15.02 -14.23
C TRP B 203 -24.09 -14.67 -15.64
N GLU B 204 -22.81 -14.31 -15.75
CA GLU B 204 -22.18 -14.04 -17.06
C GLU B 204 -22.27 -15.27 -17.97
N ILE B 205 -21.96 -16.44 -17.40
CA ILE B 205 -22.08 -17.67 -18.15
C ILE B 205 -23.52 -17.84 -18.63
N LEU B 206 -24.45 -17.89 -17.70
CA LEU B 206 -25.88 -18.06 -18.04
C LEU B 206 -26.47 -16.95 -18.91
N MET B 207 -25.84 -15.79 -18.94
CA MET B 207 -26.24 -14.73 -19.87
C MET B 207 -25.51 -14.78 -21.22
N HIS B 208 -24.73 -15.84 -21.45
CA HIS B 208 -23.79 -15.98 -22.58
C HIS B 208 -22.88 -14.78 -22.72
N GLY B 209 -21.91 -14.64 -21.83
CA GLY B 209 -20.96 -13.52 -21.83
C GLY B 209 -21.56 -12.16 -22.15
N VAL B 210 -22.51 -11.73 -21.32
CA VAL B 210 -23.02 -10.36 -21.34
C VAL B 210 -22.66 -9.79 -19.98
N LYS B 211 -22.07 -8.60 -19.98
CA LYS B 211 -21.49 -8.01 -18.78
C LYS B 211 -22.53 -7.59 -17.73
N PRO B 212 -22.19 -7.77 -16.44
CA PRO B 212 -23.12 -7.32 -15.43
C PRO B 212 -23.24 -5.81 -15.51
N PHE B 213 -24.46 -5.32 -15.41
CA PHE B 213 -24.72 -3.90 -15.32
C PHE B 213 -24.25 -3.11 -16.55
N GLN B 214 -24.49 -3.63 -17.75
CA GLN B 214 -24.19 -2.84 -18.93
C GLN B 214 -25.03 -1.57 -18.89
N GLY B 215 -24.43 -0.45 -19.27
CA GLY B 215 -25.11 0.84 -19.24
C GLY B 215 -25.23 1.44 -17.85
N VAL B 216 -24.53 0.85 -16.88
CA VAL B 216 -24.58 1.34 -15.50
C VAL B 216 -23.19 1.77 -15.03
N LYS B 217 -23.07 3.05 -14.67
CA LYS B 217 -21.80 3.62 -14.21
C LYS B 217 -21.33 2.90 -12.96
N ASN B 218 -20.02 2.70 -12.85
CA ASN B 218 -19.44 2.00 -11.69
C ASN B 218 -19.98 2.52 -10.38
N ASN B 219 -19.98 3.84 -10.21
CA ASN B 219 -20.36 4.46 -8.94
C ASN B 219 -21.82 4.25 -8.54
N ASP B 220 -22.70 4.10 -9.52
CA ASP B 220 -24.10 3.76 -9.25
C ASP B 220 -24.25 2.30 -8.83
N VAL B 221 -23.65 1.40 -9.63
CA VAL B 221 -23.58 -0.03 -9.30
C VAL B 221 -23.31 -0.27 -7.81
N ILE B 222 -22.42 0.51 -7.21
CA ILE B 222 -22.09 0.31 -5.79
C ILE B 222 -23.29 0.63 -4.89
N GLY B 223 -24.10 1.61 -5.31
CA GLY B 223 -25.24 2.08 -4.54
C GLY B 223 -26.43 1.16 -4.68
N ARG B 224 -26.69 0.75 -5.92
CA ARG B 224 -27.70 -0.25 -6.23
C ARG B 224 -27.56 -1.47 -5.32
N ILE B 225 -26.36 -2.05 -5.29
CA ILE B 225 -26.10 -3.25 -4.51
C ILE B 225 -26.28 -2.95 -3.04
N GLU B 226 -25.82 -1.77 -2.64
CA GLU B 226 -25.98 -1.27 -1.28
C GLU B 226 -27.46 -1.27 -0.86
N ASN B 227 -28.35 -1.17 -1.85
CA ASN B 227 -29.81 -1.04 -1.63
C ASN B 227 -30.62 -2.32 -1.79
N GLY B 228 -29.95 -3.47 -1.73
CA GLY B 228 -30.63 -4.76 -1.87
C GLY B 228 -30.91 -5.21 -3.30
N GLU B 229 -30.47 -4.44 -4.28
CA GLU B 229 -30.71 -4.81 -5.66
C GLU B 229 -29.68 -5.81 -6.16
N ARG B 230 -30.12 -6.67 -7.07
CA ARG B 230 -29.29 -7.74 -7.57
C ARG B 230 -29.46 -7.89 -9.05
N LEU B 231 -28.64 -8.74 -9.65
CA LEU B 231 -28.73 -9.00 -11.08
C LEU B 231 -30.00 -9.79 -11.37
N PRO B 232 -30.67 -9.47 -12.48
CA PRO B 232 -31.92 -10.18 -12.78
C PRO B 232 -31.67 -11.68 -12.96
N MET B 233 -32.72 -12.47 -12.87
CA MET B 233 -32.61 -13.87 -13.26
C MET B 233 -32.54 -13.93 -14.79
N PRO B 234 -31.41 -14.44 -15.34
CA PRO B 234 -31.23 -14.63 -16.76
C PRO B 234 -32.30 -15.54 -17.33
N PRO B 235 -32.86 -15.18 -18.51
CA PRO B 235 -33.94 -15.97 -19.08
C PRO B 235 -33.48 -17.39 -19.39
N ASN B 236 -34.30 -18.37 -19.05
CA ASN B 236 -34.02 -19.80 -19.32
C ASN B 236 -33.11 -20.45 -18.28
N CYS B 237 -32.49 -19.65 -17.41
CA CYS B 237 -31.81 -20.18 -16.25
C CYS B 237 -32.81 -20.88 -15.32
N PRO B 238 -32.48 -22.08 -14.81
CA PRO B 238 -33.44 -22.80 -13.98
C PRO B 238 -33.39 -22.38 -12.51
N PRO B 239 -34.55 -22.01 -11.94
CA PRO B 239 -34.79 -21.38 -10.63
C PRO B 239 -33.90 -21.83 -9.48
N THR B 240 -33.68 -23.14 -9.33
CA THR B 240 -32.74 -23.66 -8.33
C THR B 240 -31.38 -22.96 -8.43
N LEU B 241 -30.89 -22.82 -9.65
CA LEU B 241 -29.60 -22.22 -9.91
C LEU B 241 -29.60 -20.73 -9.58
N TYR B 242 -30.60 -20.00 -10.07
CA TYR B 242 -30.71 -18.58 -9.77
C TYR B 242 -30.82 -18.36 -8.26
N SER B 243 -31.49 -19.30 -7.60
CA SER B 243 -31.56 -19.28 -6.17
C SER B 243 -30.14 -19.41 -5.64
N LEU B 244 -29.35 -20.26 -6.29
CA LEU B 244 -27.97 -20.47 -5.90
C LEU B 244 -27.13 -19.20 -6.07
N MET B 245 -27.31 -18.50 -7.18
CA MET B 245 -26.57 -17.27 -7.41
C MET B 245 -26.86 -16.23 -6.33
N THR B 246 -28.15 -16.03 -6.05
CA THR B 246 -28.56 -15.04 -5.07
C THR B 246 -27.91 -15.29 -3.72
N LYS B 247 -27.72 -16.56 -3.34
CA LYS B 247 -27.01 -16.90 -2.11
C LYS B 247 -25.56 -16.37 -2.14
N CYS B 248 -24.91 -16.49 -3.29
CA CYS B 248 -23.57 -15.95 -3.44
C CYS B 248 -23.54 -14.43 -3.22
N TRP B 249 -24.69 -13.77 -3.36
CA TRP B 249 -24.75 -12.31 -3.24
C TRP B 249 -25.34 -11.80 -1.93
N ALA B 250 -25.30 -12.65 -0.92
CA ALA B 250 -25.58 -12.18 0.42
C ALA B 250 -24.58 -11.05 0.70
N TYR B 251 -25.06 -9.95 1.24
CA TYR B 251 -24.21 -8.79 1.53
C TYR B 251 -23.26 -9.14 2.66
N ASP B 252 -23.82 -9.69 3.72
CA ASP B 252 -23.03 -10.13 4.84
C ASP B 252 -22.21 -11.32 4.40
N PRO B 253 -20.88 -11.16 4.32
CA PRO B 253 -20.03 -12.19 3.79
C PRO B 253 -20.24 -13.57 4.43
N SER B 254 -20.59 -13.61 5.71
CA SER B 254 -20.69 -14.89 6.42
C SER B 254 -21.90 -15.75 5.99
N ARG B 255 -22.82 -15.15 5.25
CA ARG B 255 -24.04 -15.83 4.85
C ARG B 255 -23.91 -16.54 3.52
N ARG B 256 -22.81 -16.30 2.82
CA ARG B 256 -22.58 -16.88 1.50
C ARG B 256 -22.12 -18.32 1.67
N PRO B 257 -22.53 -19.20 0.76
CA PRO B 257 -22.07 -20.58 0.81
C PRO B 257 -20.57 -20.71 0.60
N ARG B 258 -20.00 -21.79 1.12
CA ARG B 258 -18.63 -22.18 0.81
C ARG B 258 -18.60 -22.79 -0.60
N PHE B 259 -17.44 -22.73 -1.26
CA PHE B 259 -17.30 -23.27 -2.62
C PHE B 259 -17.62 -24.75 -2.66
N THR B 260 -17.29 -25.44 -1.58
CA THR B 260 -17.56 -26.86 -1.49
C THR B 260 -19.06 -27.21 -1.59
N GLU B 261 -19.94 -26.32 -1.10
CA GLU B 261 -21.39 -26.56 -1.18
C GLU B 261 -21.97 -26.16 -2.53
N LEU B 262 -21.46 -25.07 -3.08
CA LEU B 262 -21.75 -24.70 -4.45
C LEU B 262 -21.52 -25.90 -5.38
N LYS B 263 -20.35 -26.53 -5.24
CA LYS B 263 -19.95 -27.68 -6.05
C LYS B 263 -21.05 -28.75 -6.11
N ALA B 264 -21.41 -29.26 -4.93
CA ALA B 264 -22.46 -30.26 -4.80
C ALA B 264 -23.84 -29.77 -5.23
N GLN B 265 -24.15 -28.51 -4.92
CA GLN B 265 -25.40 -27.90 -5.40
C GLN B 265 -25.44 -27.95 -6.91
N LEU B 266 -24.40 -27.39 -7.55
CA LEU B 266 -24.28 -27.37 -9.00
C LEU B 266 -24.31 -28.76 -9.63
N SER B 267 -23.82 -29.75 -8.89
CA SER B 267 -23.80 -31.13 -9.39
C SER B 267 -25.21 -31.71 -9.60
N THR B 268 -26.03 -31.69 -8.56
CA THR B 268 -27.42 -32.17 -8.70
C THR B 268 -28.20 -31.33 -9.72
N ILE B 269 -28.02 -30.00 -9.68
CA ILE B 269 -28.62 -29.09 -10.67
C ILE B 269 -28.30 -29.53 -12.11
N LEU B 270 -27.04 -29.89 -12.36
CA LEU B 270 -26.61 -30.42 -13.65
C LEU B 270 -27.21 -31.79 -13.93
N GLU B 271 -27.09 -32.71 -12.98
CA GLU B 271 -27.63 -34.05 -13.17
C GLU B 271 -29.14 -33.96 -13.41
N GLU B 272 -29.78 -33.00 -12.74
CA GLU B 272 -31.19 -32.68 -12.96
C GLU B 272 -31.47 -32.29 -14.40
N GLU B 273 -30.68 -31.36 -14.95
CA GLU B 273 -30.88 -30.93 -16.32
C GLU B 273 -30.55 -32.05 -17.30
N LYS B 274 -29.45 -32.76 -17.04
CA LYS B 274 -29.04 -33.88 -17.87
C LYS B 274 -30.09 -35.01 -17.86
N LEU B 275 -30.58 -35.34 -16.66
CA LEU B 275 -31.62 -36.36 -16.47
C LEU B 275 -32.91 -35.99 -17.22
N GLN B 276 -32.74 -35.23 -18.30
CA GLN B 276 -33.82 -34.78 -19.19
C GLN B 276 -34.80 -33.84 -18.47
#